data_7NEV
#
_entry.id   7NEV
#
_cell.length_a   113.811
_cell.length_b   52.682
_cell.length_c   46.230
_cell.angle_alpha   90.000
_cell.angle_beta   102.783
_cell.angle_gamma   90.000
#
_symmetry.space_group_name_H-M   'C 1 2 1'
#
loop_
_entity.id
_entity.type
_entity.pdbx_description
1 polymer '3C-like proteinase'
2 polymer LEUPEPTIN
3 non-polymer 'DIMETHYL SULFOXIDE'
4 non-polymer IMIDAZOLE
5 non-polymer 'CHLORIDE ION'
6 water water
#
loop_
_entity_poly.entity_id
_entity_poly.type
_entity_poly.pdbx_seq_one_letter_code
_entity_poly.pdbx_strand_id
1 'polypeptide(L)'
;SGFRKMAFPSGKVEGCMVQVTCGTTTLNGLWLDDVVYCPRHVICTSEDMLNPNYEDLLIRKSNHNFLVQAGNVQLRVIGH
SMQNCVLKLKVDTANPKTPKYKFVRIQPGQTFSVLACYNGSPSGVYQCAMRPNFTIKGSFLNGSCGSVGFNIDYDCVSFC
YMHHMELPTGVHAGTDLEGNFYGPFVDRQTAQAAGTDTTITVNVLAWLYAAVINGDRWFLNRFTTTLNDFNLVAMKYNYE
PLTQDHVDILGPLSAQTGIAVLDMCASLKELLQNGMNGRTILGSALLEDEFTPFDVVRQCSGVTFQ
;
A
2 'polypeptide(L)' (ACE)LL(AR7) B
#
loop_
_chem_comp.id
_chem_comp.type
_chem_comp.name
_chem_comp.formula
ACE non-polymer 'ACETYL GROUP' 'C2 H4 O'
AR7 peptide-like amino{[(4S)-4-amino-5,5-dihydroxypentyl]amino}methaniminium 'C6 H17 N4 O2 1'
CL non-polymer 'CHLORIDE ION' 'Cl -1'
DMS non-polymer 'DIMETHYL SULFOXIDE' 'C2 H6 O S'
IMD non-polymer IMIDAZOLE 'C3 H5 N2 1'
#
# COMPACT_ATOMS: atom_id res chain seq x y z
N SER A 1 22.82 -6.39 9.78
CA SER A 1 23.13 -4.98 9.96
C SER A 1 22.47 -4.14 8.89
N GLY A 2 22.08 -2.93 9.25
CA GLY A 2 21.39 -2.07 8.30
C GLY A 2 19.89 -2.29 8.31
N PHE A 3 19.15 -1.22 8.03
CA PHE A 3 17.70 -1.27 7.98
C PHE A 3 17.24 -0.51 6.75
N ARG A 4 16.49 -1.19 5.88
CA ARG A 4 16.10 -0.64 4.61
C ARG A 4 14.62 -0.90 4.36
N LYS A 5 13.97 0.03 3.66
CA LYS A 5 12.65 -0.22 3.11
C LYS A 5 12.79 -1.28 2.03
N MET A 6 12.18 -2.44 2.26
N MET A 6 12.28 -2.48 2.29
CA MET A 6 12.41 -3.64 1.46
CA MET A 6 12.46 -3.59 1.36
C MET A 6 11.08 -4.28 1.07
C MET A 6 11.10 -4.24 1.05
N ALA A 7 10.86 -4.46 -0.22
CA ALA A 7 9.63 -5.09 -0.70
C ALA A 7 9.80 -6.61 -0.74
N PHE A 8 8.66 -7.30 -0.85
CA PHE A 8 8.71 -8.74 -1.00
C PHE A 8 9.25 -9.11 -2.38
N PRO A 9 9.85 -10.29 -2.53
CA PRO A 9 10.18 -10.79 -3.87
C PRO A 9 8.93 -10.84 -4.72
N SER A 10 9.02 -10.29 -5.93
CA SER A 10 7.86 -10.06 -6.77
C SER A 10 7.61 -11.18 -7.79
N GLY A 11 8.41 -12.24 -7.76
CA GLY A 11 8.31 -13.25 -8.80
C GLY A 11 6.92 -13.86 -8.95
N LYS A 12 6.28 -14.18 -7.82
CA LYS A 12 4.96 -14.80 -7.89
C LYS A 12 3.92 -13.85 -8.48
N VAL A 13 4.09 -12.55 -8.32
CA VAL A 13 3.12 -11.59 -8.83
C VAL A 13 3.39 -11.22 -10.29
N GLU A 14 4.67 -11.16 -10.69
CA GLU A 14 5.01 -10.86 -12.08
C GLU A 14 4.29 -11.81 -13.04
N GLY A 15 4.15 -13.08 -12.66
CA GLY A 15 3.51 -14.06 -13.51
C GLY A 15 2.00 -13.92 -13.63
N CYS A 16 1.40 -12.98 -12.91
CA CYS A 16 -0.03 -12.75 -12.98
C CYS A 16 -0.39 -11.46 -13.72
N MET A 17 0.59 -10.74 -14.24
CA MET A 17 0.34 -9.39 -14.72
C MET A 17 0.04 -9.48 -16.21
N VAL A 18 -1.07 -8.87 -16.63
CA VAL A 18 -1.45 -8.83 -18.04
C VAL A 18 -1.84 -7.41 -18.42
N GLN A 19 -2.05 -7.21 -19.71
CA GLN A 19 -2.49 -5.94 -20.26
C GLN A 19 -3.95 -6.02 -20.68
N VAL A 20 -4.72 -4.99 -20.34
CA VAL A 20 -6.13 -4.92 -20.71
C VAL A 20 -6.38 -3.60 -21.43
N THR A 21 -6.99 -3.69 -22.62
CA THR A 21 -7.21 -2.53 -23.46
C THR A 21 -8.69 -2.45 -23.84
N CYS A 22 -9.27 -1.26 -23.68
N CYS A 22 -9.28 -1.27 -23.69
CA CYS A 22 -10.63 -0.96 -24.09
CA CYS A 22 -10.65 -1.00 -24.12
C CYS A 22 -10.58 0.29 -24.96
C CYS A 22 -10.64 0.27 -24.94
N GLY A 23 -10.78 0.12 -26.26
CA GLY A 23 -10.66 1.26 -27.16
C GLY A 23 -9.24 1.77 -27.19
N THR A 24 -9.04 3.00 -26.72
CA THR A 24 -7.72 3.61 -26.64
C THR A 24 -7.16 3.59 -25.22
N THR A 25 -7.89 3.05 -24.26
CA THR A 25 -7.47 3.01 -22.86
C THR A 25 -6.81 1.67 -22.57
N THR A 26 -5.57 1.72 -22.07
CA THR A 26 -4.81 0.51 -21.75
C THR A 26 -4.30 0.62 -20.32
N LEU A 27 -4.48 -0.45 -19.55
CA LEU A 27 -3.95 -0.52 -18.19
C LEU A 27 -3.59 -1.97 -17.89
N ASN A 28 -3.35 -2.25 -16.61
CA ASN A 28 -2.89 -3.57 -16.19
C ASN A 28 -4.04 -4.37 -15.58
N GLY A 29 -3.95 -5.69 -15.75
CA GLY A 29 -4.89 -6.59 -15.12
C GLY A 29 -4.15 -7.66 -14.34
N LEU A 30 -4.86 -8.24 -13.37
CA LEU A 30 -4.33 -9.31 -12.53
C LEU A 30 -5.00 -10.62 -12.93
N TRP A 31 -4.21 -11.55 -13.43
CA TRP A 31 -4.70 -12.81 -13.98
C TRP A 31 -4.48 -13.91 -12.95
N LEU A 32 -5.57 -14.38 -12.34
CA LEU A 32 -5.53 -15.46 -11.36
C LEU A 32 -6.61 -16.47 -11.71
N ASP A 33 -6.23 -17.73 -11.82
CA ASP A 33 -7.12 -18.78 -12.34
C ASP A 33 -7.62 -18.29 -13.70
N ASP A 34 -8.92 -18.38 -14.00
CA ASP A 34 -9.44 -17.96 -15.29
C ASP A 34 -10.15 -16.62 -15.25
N VAL A 35 -9.71 -15.72 -14.36
CA VAL A 35 -10.31 -14.40 -14.20
C VAL A 35 -9.21 -13.36 -14.25
N VAL A 36 -9.48 -12.26 -14.95
CA VAL A 36 -8.57 -11.10 -15.00
C VAL A 36 -9.27 -9.94 -14.31
N TYR A 37 -8.64 -9.39 -13.28
CA TYR A 37 -9.15 -8.27 -12.50
C TYR A 37 -8.47 -6.98 -12.95
N CYS A 38 -9.25 -5.93 -13.17
CA CYS A 38 -8.69 -4.66 -13.59
C CYS A 38 -9.63 -3.54 -13.13
N PRO A 39 -9.13 -2.30 -13.05
CA PRO A 39 -10.01 -1.18 -12.72
C PRO A 39 -11.10 -1.00 -13.77
N ARG A 40 -12.31 -0.71 -13.30
CA ARG A 40 -13.43 -0.60 -14.22
C ARG A 40 -13.34 0.63 -15.12
N HIS A 41 -12.54 1.64 -14.74
CA HIS A 41 -12.51 2.81 -15.62
C HIS A 41 -11.74 2.54 -16.92
N VAL A 42 -11.28 1.31 -17.17
CA VAL A 42 -10.73 0.97 -18.48
C VAL A 42 -11.77 1.20 -19.57
N ILE A 43 -13.06 1.15 -19.23
CA ILE A 43 -14.11 1.31 -20.24
C ILE A 43 -14.43 2.77 -20.52
N CYS A 44 -13.79 3.69 -19.81
CA CYS A 44 -14.06 5.12 -19.96
C CYS A 44 -13.18 5.71 -21.05
N THR A 45 -13.78 6.56 -21.88
CA THR A 45 -12.99 7.48 -22.69
C THR A 45 -12.55 8.66 -21.82
N SER A 46 -11.71 9.51 -22.40
CA SER A 46 -11.22 10.67 -21.65
C SER A 46 -12.36 11.60 -21.24
N GLU A 47 -13.40 11.71 -22.07
CA GLU A 47 -14.55 12.51 -21.73
C GLU A 47 -15.48 11.80 -20.75
N ASP A 48 -15.43 10.46 -20.69
CA ASP A 48 -16.31 9.73 -19.79
C ASP A 48 -15.94 9.94 -18.33
N MET A 49 -14.65 10.11 -18.03
CA MET A 49 -14.20 10.11 -16.64
C MET A 49 -14.65 11.34 -15.85
N LEU A 50 -15.21 12.35 -16.51
CA LEU A 50 -15.69 13.53 -15.78
C LEU A 50 -16.86 13.17 -14.87
N ASN A 51 -17.82 12.41 -15.39
CA ASN A 51 -18.95 11.91 -14.60
C ASN A 51 -19.45 10.63 -15.23
N PRO A 52 -18.73 9.52 -15.03
CA PRO A 52 -19.08 8.28 -15.73
C PRO A 52 -20.26 7.57 -15.08
N ASN A 53 -21.14 7.05 -15.92
CA ASN A 53 -22.18 6.11 -15.51
C ASN A 53 -21.69 4.72 -15.91
N TYR A 54 -20.96 4.08 -15.00
CA TYR A 54 -20.29 2.83 -15.33
C TYR A 54 -21.30 1.75 -15.73
N GLU A 55 -22.47 1.74 -15.08
CA GLU A 55 -23.52 0.80 -15.46
C GLU A 55 -23.88 0.98 -16.93
N ASP A 56 -24.24 2.20 -17.33
CA ASP A 56 -24.63 2.46 -18.71
C ASP A 56 -23.47 2.23 -19.68
N LEU A 57 -22.23 2.55 -19.26
CA LEU A 57 -21.09 2.39 -20.15
C LEU A 57 -20.76 0.92 -20.37
N LEU A 58 -20.86 0.10 -19.32
CA LEU A 58 -20.57 -1.32 -19.44
C LEU A 58 -21.62 -2.06 -20.25
N ILE A 59 -22.84 -1.51 -20.36
CA ILE A 59 -23.89 -2.19 -21.11
C ILE A 59 -23.55 -2.29 -22.59
N ARG A 60 -22.94 -1.26 -23.16
CA ARG A 60 -22.60 -1.30 -24.58
C ARG A 60 -21.24 -1.94 -24.84
N LYS A 61 -20.68 -2.65 -23.86
CA LYS A 61 -19.45 -3.43 -24.04
C LYS A 61 -19.79 -4.91 -24.11
N SER A 62 -19.05 -5.64 -24.94
CA SER A 62 -19.15 -7.08 -25.05
C SER A 62 -17.80 -7.71 -24.75
N ASN A 63 -17.79 -9.04 -24.62
CA ASN A 63 -16.55 -9.75 -24.30
C ASN A 63 -15.45 -9.42 -25.30
N HIS A 64 -15.78 -9.36 -26.59
CA HIS A 64 -14.75 -9.14 -27.61
C HIS A 64 -14.20 -7.72 -27.61
N ASN A 65 -14.79 -6.80 -26.84
CA ASN A 65 -14.25 -5.45 -26.72
C ASN A 65 -13.09 -5.37 -25.74
N PHE A 66 -12.94 -6.35 -24.86
CA PHE A 66 -11.88 -6.35 -23.86
C PHE A 66 -10.67 -7.09 -24.41
N LEU A 67 -9.63 -6.35 -24.80
CA LEU A 67 -8.41 -6.95 -25.33
C LEU A 67 -7.48 -7.25 -24.17
N VAL A 68 -7.26 -8.54 -23.90
CA VAL A 68 -6.42 -9.00 -22.80
C VAL A 68 -5.21 -9.71 -23.40
N GLN A 69 -4.02 -9.22 -23.08
CA GLN A 69 -2.79 -9.74 -23.63
C GLN A 69 -1.86 -10.16 -22.49
N ALA A 70 -1.43 -11.42 -22.51
CA ALA A 70 -0.47 -11.95 -21.54
C ALA A 70 0.86 -12.10 -22.26
N GLY A 71 1.77 -11.16 -22.04
CA GLY A 71 2.96 -11.08 -22.86
C GLY A 71 2.60 -10.82 -24.30
N ASN A 72 3.02 -11.71 -25.20
CA ASN A 72 2.70 -11.60 -26.61
C ASN A 72 1.50 -12.46 -27.01
N VAL A 73 0.85 -13.11 -26.06
CA VAL A 73 -0.24 -14.06 -26.33
C VAL A 73 -1.56 -13.42 -25.94
N GLN A 74 -2.52 -13.45 -26.87
CA GLN A 74 -3.84 -12.91 -26.62
C GLN A 74 -4.72 -13.92 -25.91
N LEU A 75 -5.47 -13.45 -24.92
CA LEU A 75 -6.39 -14.31 -24.17
C LEU A 75 -7.81 -14.09 -24.66
N ARG A 76 -8.60 -15.16 -24.64
CA ARG A 76 -9.97 -15.13 -25.12
C ARG A 76 -10.92 -14.83 -23.97
N VAL A 77 -11.67 -13.74 -24.09
CA VAL A 77 -12.62 -13.32 -23.06
C VAL A 77 -13.95 -13.99 -23.31
N ILE A 78 -14.44 -14.74 -22.33
CA ILE A 78 -15.70 -15.46 -22.44
C ILE A 78 -16.75 -14.94 -21.48
N GLY A 79 -16.44 -13.94 -20.68
CA GLY A 79 -17.41 -13.35 -19.76
C GLY A 79 -16.84 -12.12 -19.11
N HIS A 80 -17.74 -11.27 -18.64
CA HIS A 80 -17.33 -10.07 -17.91
C HIS A 80 -18.44 -9.64 -16.95
N SER A 81 -18.02 -8.97 -15.87
CA SER A 81 -18.97 -8.44 -14.90
C SER A 81 -18.26 -7.37 -14.07
N MET A 82 -19.07 -6.52 -13.42
CA MET A 82 -18.60 -5.50 -12.51
C MET A 82 -18.84 -5.92 -11.07
N GLN A 83 -17.79 -5.85 -10.25
CA GLN A 83 -17.90 -5.96 -8.79
C GLN A 83 -17.35 -4.65 -8.21
N ASN A 84 -18.25 -3.81 -7.73
CA ASN A 84 -17.87 -2.49 -7.23
C ASN A 84 -17.07 -1.73 -8.28
N CYS A 85 -15.80 -1.41 -8.01
CA CYS A 85 -15.01 -0.61 -8.93
C CYS A 85 -14.02 -1.44 -9.75
N VAL A 86 -14.09 -2.77 -9.70
CA VAL A 86 -13.25 -3.59 -10.56
C VAL A 86 -14.13 -4.36 -11.54
N LEU A 87 -13.54 -4.67 -12.69
CA LEU A 87 -14.12 -5.58 -13.66
C LEU A 87 -13.45 -6.93 -13.51
N LYS A 88 -14.24 -7.99 -13.69
CA LYS A 88 -13.72 -9.36 -13.69
C LYS A 88 -13.98 -9.92 -15.08
N LEU A 89 -12.90 -10.12 -15.84
CA LEU A 89 -12.99 -10.70 -17.18
C LEU A 89 -12.67 -12.18 -17.11
N LYS A 90 -13.66 -13.02 -17.42
CA LYS A 90 -13.43 -14.45 -17.47
C LYS A 90 -12.76 -14.81 -18.79
N VAL A 91 -11.68 -15.56 -18.70
CA VAL A 91 -10.94 -15.99 -19.88
C VAL A 91 -11.02 -17.50 -19.97
N ASP A 92 -10.76 -18.03 -21.17
CA ASP A 92 -10.90 -19.46 -21.38
C ASP A 92 -9.69 -20.26 -20.93
N THR A 93 -8.70 -19.62 -20.33
CA THR A 93 -7.46 -20.27 -19.92
C THR A 93 -7.11 -19.83 -18.51
N ALA A 94 -6.86 -20.79 -17.64
CA ALA A 94 -6.40 -20.49 -16.29
C ALA A 94 -4.91 -20.17 -16.31
N ASN A 95 -4.51 -19.15 -15.55
CA ASN A 95 -3.11 -18.75 -15.50
C ASN A 95 -2.28 -19.90 -14.92
N PRO A 96 -1.40 -20.52 -15.72
CA PRO A 96 -0.61 -21.64 -15.20
C PRO A 96 0.36 -21.23 -14.10
N LYS A 97 0.69 -19.94 -13.99
CA LYS A 97 1.57 -19.44 -12.95
C LYS A 97 0.83 -18.91 -11.73
N THR A 98 -0.46 -19.22 -11.60
CA THR A 98 -1.24 -18.76 -10.45
C THR A 98 -0.64 -19.28 -9.15
N PRO A 99 -0.15 -18.42 -8.27
CA PRO A 99 0.31 -18.88 -6.96
C PRO A 99 -0.88 -19.08 -6.02
N LYS A 100 -0.61 -19.76 -4.91
CA LYS A 100 -1.60 -19.76 -3.83
C LYS A 100 -1.80 -18.34 -3.36
N TYR A 101 -3.05 -17.91 -3.28
CA TYR A 101 -3.34 -16.50 -3.05
C TYR A 101 -4.64 -16.35 -2.26
N LYS A 102 -4.81 -15.14 -1.73
N LYS A 102 -4.83 -15.13 -1.76
CA LYS A 102 -6.05 -14.73 -1.08
CA LYS A 102 -6.08 -14.74 -1.10
C LYS A 102 -6.24 -13.24 -1.34
C LYS A 102 -6.24 -13.24 -1.23
N PHE A 103 -7.48 -12.79 -1.17
CA PHE A 103 -7.81 -11.37 -1.21
C PHE A 103 -8.06 -10.90 0.22
N VAL A 104 -7.33 -9.86 0.64
CA VAL A 104 -7.48 -9.30 1.98
C VAL A 104 -7.63 -7.79 1.86
N ARG A 105 -8.49 -7.23 2.71
CA ARG A 105 -8.61 -5.79 2.85
C ARG A 105 -7.72 -5.36 4.01
N ILE A 106 -6.65 -4.66 3.70
CA ILE A 106 -5.64 -4.35 4.70
C ILE A 106 -6.12 -3.23 5.61
N GLN A 107 -5.61 -3.22 6.84
CA GLN A 107 -5.96 -2.18 7.80
C GLN A 107 -5.03 -0.98 7.64
N PRO A 108 -5.51 0.23 7.96
CA PRO A 108 -4.63 1.39 7.94
C PRO A 108 -3.49 1.22 8.94
N GLY A 109 -2.31 1.69 8.55
CA GLY A 109 -1.11 1.49 9.33
C GLY A 109 -0.31 0.26 8.96
N GLN A 110 -0.87 -0.63 8.14
CA GLN A 110 -0.16 -1.79 7.65
C GLN A 110 0.53 -1.49 6.33
N THR A 111 1.50 -2.33 5.98
CA THR A 111 2.33 -2.12 4.80
C THR A 111 2.10 -3.24 3.79
N PHE A 112 2.58 -3.01 2.57
CA PHE A 112 2.53 -4.00 1.51
C PHE A 112 3.48 -3.58 0.39
N SER A 113 3.85 -4.55 -0.43
CA SER A 113 4.71 -4.32 -1.58
C SER A 113 3.87 -4.02 -2.81
N VAL A 114 4.31 -3.04 -3.60
CA VAL A 114 3.67 -2.64 -4.84
C VAL A 114 4.56 -3.07 -6.00
N LEU A 115 3.97 -3.75 -6.97
CA LEU A 115 4.64 -4.07 -8.24
C LEU A 115 4.09 -3.11 -9.29
N ALA A 116 4.82 -2.02 -9.52
CA ALA A 116 4.40 -1.05 -10.51
C ALA A 116 4.56 -1.63 -11.92
N CYS A 117 3.50 -1.55 -12.72
CA CYS A 117 3.48 -2.14 -14.04
C CYS A 117 2.98 -1.15 -15.08
N TYR A 118 3.39 -1.37 -16.32
CA TYR A 118 2.93 -0.57 -17.45
C TYR A 118 2.75 -1.50 -18.64
N ASN A 119 1.56 -1.46 -19.26
CA ASN A 119 1.23 -2.30 -20.41
C ASN A 119 1.41 -3.78 -20.08
N GLY A 120 1.07 -4.15 -18.85
CA GLY A 120 1.19 -5.53 -18.41
C GLY A 120 2.60 -5.98 -18.08
N SER A 121 3.59 -5.08 -18.11
CA SER A 121 4.98 -5.45 -17.88
C SER A 121 5.47 -4.88 -16.56
N PRO A 122 5.95 -5.70 -15.63
CA PRO A 122 6.47 -5.18 -14.37
C PRO A 122 7.61 -4.18 -14.60
N SER A 123 7.57 -3.09 -13.84
CA SER A 123 8.58 -2.04 -13.89
C SER A 123 9.45 -1.97 -12.64
N GLY A 124 8.88 -2.20 -11.47
CA GLY A 124 9.67 -2.15 -10.25
C GLY A 124 8.80 -2.42 -9.03
N VAL A 125 9.48 -2.60 -7.89
CA VAL A 125 8.83 -2.97 -6.64
C VAL A 125 9.26 -2.02 -5.53
N TYR A 126 8.32 -1.66 -4.67
CA TYR A 126 8.60 -0.80 -3.52
C TYR A 126 7.51 -0.98 -2.48
N GLN A 127 7.84 -0.61 -1.24
CA GLN A 127 6.92 -0.75 -0.11
C GLN A 127 6.06 0.49 0.05
N CYS A 128 4.79 0.27 0.40
CA CYS A 128 3.88 1.34 0.77
C CYS A 128 3.17 0.99 2.06
N ALA A 129 2.74 2.01 2.79
CA ALA A 129 1.84 1.86 3.92
C ALA A 129 0.46 2.36 3.52
N MET A 130 -0.57 1.67 4.00
CA MET A 130 -1.93 2.17 3.88
C MET A 130 -2.12 3.22 4.97
N ARG A 131 -2.04 4.49 4.60
CA ARG A 131 -2.00 5.55 5.60
C ARG A 131 -3.35 5.69 6.29
N PRO A 132 -3.37 6.30 7.49
CA PRO A 132 -4.64 6.46 8.21
C PRO A 132 -5.70 7.20 7.41
N ASN A 133 -5.32 8.08 6.49
CA ASN A 133 -6.31 8.71 5.62
C ASN A 133 -6.58 7.89 4.35
N PHE A 134 -6.14 6.63 4.33
CA PHE A 134 -6.44 5.67 3.26
C PHE A 134 -5.90 6.12 1.90
N THR A 135 -4.77 6.81 1.91
CA THR A 135 -3.98 7.04 0.71
C THR A 135 -2.65 6.33 0.87
N ILE A 136 -1.94 6.16 -0.25
CA ILE A 136 -0.58 5.65 -0.22
C ILE A 136 0.30 6.63 -0.98
N LYS A 137 1.60 6.57 -0.67
CA LYS A 137 2.61 7.43 -1.28
C LYS A 137 3.51 6.53 -2.13
N GLY A 138 3.12 6.34 -3.39
CA GLY A 138 3.85 5.45 -4.26
C GLY A 138 4.48 6.17 -5.44
N SER A 139 4.63 5.44 -6.54
CA SER A 139 5.18 5.99 -7.78
C SER A 139 4.38 5.38 -8.92
N PHE A 140 3.40 6.13 -9.43
CA PHE A 140 2.46 5.66 -10.43
C PHE A 140 2.33 6.72 -11.51
N LEU A 141 2.63 6.35 -12.75
CA LEU A 141 2.39 7.22 -13.90
C LEU A 141 1.09 6.82 -14.60
N ASN A 142 0.80 7.50 -15.71
CA ASN A 142 -0.32 7.09 -16.54
C ASN A 142 -0.07 5.68 -17.09
N GLY A 143 -1.12 4.88 -17.11
CA GLY A 143 -1.01 3.49 -17.52
C GLY A 143 -0.62 2.54 -16.41
N SER A 144 -0.29 3.05 -15.22
CA SER A 144 0.07 2.19 -14.10
C SER A 144 -1.14 1.63 -13.35
N CYS A 145 -2.35 2.10 -13.68
CA CYS A 145 -3.53 1.59 -13.01
C CYS A 145 -3.66 0.08 -13.22
N GLY A 146 -4.20 -0.60 -12.21
CA GLY A 146 -4.21 -2.04 -12.21
C GLY A 146 -3.00 -2.69 -11.58
N SER A 147 -1.92 -1.94 -11.37
CA SER A 147 -0.83 -2.44 -10.54
C SER A 147 -1.35 -2.78 -9.15
N VAL A 148 -0.81 -3.83 -8.56
CA VAL A 148 -1.37 -4.35 -7.31
C VAL A 148 -0.36 -4.24 -6.18
N GLY A 149 -0.90 -4.21 -4.97
CA GLY A 149 -0.11 -4.30 -3.75
C GLY A 149 -0.40 -5.63 -3.08
N PHE A 150 0.60 -6.16 -2.38
CA PHE A 150 0.50 -7.53 -1.89
C PHE A 150 1.44 -7.74 -0.70
N ASN A 151 1.13 -8.77 0.07
CA ASN A 151 2.02 -9.32 1.08
C ASN A 151 2.20 -10.81 0.82
N ILE A 152 3.30 -11.35 1.32
CA ILE A 152 3.60 -12.77 1.19
C ILE A 152 3.89 -13.33 2.57
N ASP A 153 3.18 -14.40 2.95
CA ASP A 153 3.52 -15.19 4.11
C ASP A 153 3.83 -16.61 3.65
N TYR A 154 5.04 -17.08 3.96
CA TYR A 154 5.55 -18.34 3.44
C TYR A 154 5.47 -18.35 1.92
N ASP A 155 4.38 -18.89 1.38
CA ASP A 155 4.24 -19.02 -0.07
C ASP A 155 2.88 -18.55 -0.57
N CYS A 156 2.04 -17.98 0.28
CA CYS A 156 0.72 -17.49 -0.12
C CYS A 156 0.79 -15.98 -0.32
N VAL A 157 0.31 -15.53 -1.47
CA VAL A 157 0.30 -14.10 -1.81
C VAL A 157 -1.04 -13.52 -1.38
N SER A 158 -1.00 -12.49 -0.53
CA SER A 158 -2.21 -11.80 -0.08
C SER A 158 -2.30 -10.48 -0.85
N PHE A 159 -3.14 -10.46 -1.88
CA PHE A 159 -3.38 -9.22 -2.63
C PHE A 159 -4.30 -8.31 -1.82
N CYS A 160 -3.90 -7.05 -1.67
CA CYS A 160 -4.66 -6.11 -0.86
C CYS A 160 -4.96 -4.79 -1.54
N TYR A 161 -4.32 -4.47 -2.66
CA TYR A 161 -4.45 -3.15 -3.26
C TYR A 161 -4.42 -3.28 -4.78
N MET A 162 -5.19 -2.43 -5.45
CA MET A 162 -5.00 -2.25 -6.89
C MET A 162 -5.18 -0.78 -7.19
N HIS A 163 -4.27 -0.23 -7.99
CA HIS A 163 -4.17 1.21 -8.16
C HIS A 163 -5.22 1.73 -9.12
N HIS A 164 -5.84 2.85 -8.75
CA HIS A 164 -6.93 3.44 -9.54
C HIS A 164 -6.71 4.89 -9.90
N MET A 165 -6.10 5.68 -9.02
CA MET A 165 -6.22 7.12 -9.20
C MET A 165 -5.21 7.87 -8.34
N GLU A 166 -5.01 9.14 -8.68
CA GLU A 166 -4.08 10.00 -7.99
C GLU A 166 -4.79 11.27 -7.57
N LEU A 167 -4.37 11.82 -6.42
CA LEU A 167 -5.01 12.97 -5.81
C LEU A 167 -4.15 14.22 -5.95
N PRO A 168 -4.77 15.41 -5.89
CA PRO A 168 -4.02 16.66 -6.11
C PRO A 168 -2.77 16.81 -5.24
N THR A 169 -2.76 16.21 -4.05
CA THR A 169 -1.57 16.32 -3.21
C THR A 169 -0.42 15.45 -3.71
N GLY A 170 -0.62 14.69 -4.78
CA GLY A 170 0.40 13.79 -5.28
C GLY A 170 0.36 12.41 -4.67
N VAL A 171 -0.66 12.10 -3.87
CA VAL A 171 -0.79 10.79 -3.25
C VAL A 171 -1.71 9.93 -4.09
N HIS A 172 -1.86 8.67 -3.71
CA HIS A 172 -2.50 7.68 -4.57
C HIS A 172 -3.60 6.95 -3.82
N ALA A 173 -4.61 6.53 -4.58
CA ALA A 173 -5.78 5.85 -4.02
C ALA A 173 -6.15 4.67 -4.91
N GLY A 174 -6.74 3.66 -4.29
CA GLY A 174 -7.14 2.47 -5.01
C GLY A 174 -8.12 1.67 -4.21
N THR A 175 -8.32 0.42 -4.64
CA THR A 175 -9.31 -0.47 -4.06
C THR A 175 -8.63 -1.73 -3.54
N ASP A 176 -9.40 -2.52 -2.78
CA ASP A 176 -9.02 -3.90 -2.55
C ASP A 176 -9.40 -4.71 -3.79
N LEU A 177 -9.12 -6.02 -3.76
CA LEU A 177 -9.38 -6.82 -4.95
C LEU A 177 -10.86 -7.17 -5.10
N GLU A 178 -11.71 -6.72 -4.19
CA GLU A 178 -13.15 -6.79 -4.38
C GLU A 178 -13.72 -5.51 -4.97
N GLY A 179 -12.87 -4.55 -5.32
CA GLY A 179 -13.30 -3.34 -5.98
C GLY A 179 -13.76 -2.23 -5.05
N ASN A 180 -13.61 -2.39 -3.74
CA ASN A 180 -14.02 -1.37 -2.78
C ASN A 180 -12.85 -0.45 -2.49
N PHE A 181 -13.05 0.84 -2.71
CA PHE A 181 -11.99 1.81 -2.47
C PHE A 181 -11.59 1.83 -1.00
N TYR A 182 -10.31 2.08 -0.76
CA TYR A 182 -9.85 2.49 0.55
C TYR A 182 -10.14 3.98 0.71
N GLY A 183 -10.84 4.34 1.78
CA GLY A 183 -11.21 5.72 1.99
C GLY A 183 -12.47 6.12 1.26
N PRO A 184 -12.76 7.41 1.23
CA PRO A 184 -14.01 7.91 0.64
C PRO A 184 -13.94 8.20 -0.86
N PHE A 185 -12.88 7.77 -1.53
CA PHE A 185 -12.65 8.18 -2.90
C PHE A 185 -13.56 7.42 -3.87
N VAL A 186 -13.86 8.08 -4.99
CA VAL A 186 -14.71 7.53 -6.03
C VAL A 186 -13.97 7.67 -7.34
N ASP A 187 -14.19 6.72 -8.25
CA ASP A 187 -13.45 6.71 -9.52
C ASP A 187 -14.15 7.60 -10.55
N ARG A 188 -14.06 8.90 -10.30
CA ARG A 188 -14.44 9.92 -11.27
C ARG A 188 -13.47 11.08 -11.18
N GLN A 189 -13.34 11.82 -12.29
CA GLN A 189 -12.41 12.94 -12.36
C GLN A 189 -13.11 14.19 -11.83
N THR A 190 -13.26 14.22 -10.51
CA THR A 190 -13.86 15.33 -9.79
C THR A 190 -12.90 15.82 -8.72
N ALA A 191 -13.23 16.98 -8.15
CA ALA A 191 -12.42 17.58 -7.09
C ALA A 191 -12.47 16.67 -5.86
N GLN A 192 -11.35 16.02 -5.55
CA GLN A 192 -11.25 15.15 -4.40
C GLN A 192 -9.95 15.44 -3.67
N ALA A 193 -10.02 15.45 -2.34
CA ALA A 193 -8.87 15.79 -1.51
C ALA A 193 -8.74 14.79 -0.38
N ALA A 194 -7.50 14.43 -0.07
CA ALA A 194 -7.23 13.58 1.07
C ALA A 194 -7.33 14.39 2.35
N GLY A 195 -7.84 13.75 3.41
CA GLY A 195 -7.95 14.40 4.69
C GLY A 195 -6.60 14.57 5.36
N THR A 196 -6.66 14.97 6.63
CA THR A 196 -5.45 15.14 7.42
C THR A 196 -4.63 13.86 7.43
N ASP A 197 -3.34 13.99 7.12
CA ASP A 197 -2.41 12.86 7.03
C ASP A 197 -1.78 12.64 8.40
N THR A 198 -2.48 11.92 9.25
CA THR A 198 -1.99 11.62 10.59
C THR A 198 -0.88 10.57 10.54
N THR A 199 0.01 10.62 11.53
CA THR A 199 1.18 9.78 11.59
C THR A 199 0.88 8.50 12.36
N ILE A 200 1.46 7.38 11.89
CA ILE A 200 1.25 6.08 12.51
C ILE A 200 2.21 5.95 13.68
N THR A 201 1.72 6.23 14.88
CA THR A 201 2.58 6.36 16.05
C THR A 201 3.30 5.05 16.37
N VAL A 202 2.57 3.93 16.34
CA VAL A 202 3.18 2.64 16.67
C VAL A 202 4.30 2.30 15.71
N ASN A 203 4.20 2.76 14.46
CA ASN A 203 5.24 2.47 13.48
C ASN A 203 6.49 3.28 13.74
N VAL A 204 6.34 4.54 14.16
CA VAL A 204 7.51 5.35 14.50
C VAL A 204 8.28 4.71 15.64
N LEU A 205 7.58 4.21 16.65
CA LEU A 205 8.26 3.55 17.77
C LEU A 205 8.96 2.28 17.31
N ALA A 206 8.31 1.49 16.45
CA ALA A 206 8.97 0.30 15.90
C ALA A 206 10.25 0.68 15.18
N TRP A 207 10.23 1.78 14.44
CA TRP A 207 11.41 2.24 13.71
C TRP A 207 12.48 2.77 14.65
N LEU A 208 12.08 3.38 15.77
CA LEU A 208 13.06 3.77 16.78
C LEU A 208 13.70 2.55 17.41
N TYR A 209 12.92 1.49 17.63
CA TYR A 209 13.50 0.23 18.10
C TYR A 209 14.48 -0.34 17.09
N ALA A 210 14.12 -0.30 15.80
CA ALA A 210 15.04 -0.75 14.75
C ALA A 210 16.35 0.02 14.81
N ALA A 211 16.28 1.33 15.04
CA ALA A 211 17.50 2.12 15.15
C ALA A 211 18.36 1.67 16.33
N VAL A 212 17.72 1.42 17.48
CA VAL A 212 18.46 0.96 18.65
C VAL A 212 19.11 -0.38 18.39
N ILE A 213 18.38 -1.29 17.71
CA ILE A 213 18.95 -2.59 17.37
C ILE A 213 20.17 -2.43 16.47
N ASN A 214 20.11 -1.46 15.56
CA ASN A 214 21.17 -1.24 14.58
C ASN A 214 22.28 -0.32 15.08
N GLY A 215 22.27 0.04 16.37
CA GLY A 215 23.36 0.80 16.96
C GLY A 215 23.10 2.28 17.11
N ASP A 216 22.07 2.83 16.47
N ASP A 216 22.02 2.81 16.55
CA ASP A 216 21.70 4.22 16.67
CA ASP A 216 21.71 4.24 16.65
C ASP A 216 20.97 4.36 17.99
C ASP A 216 20.92 4.48 17.92
N ARG A 217 21.56 5.12 18.92
CA ARG A 217 20.89 5.33 20.20
C ARG A 217 21.15 6.71 20.79
N TRP A 218 21.49 7.71 19.96
CA TRP A 218 21.74 9.06 20.48
C TRP A 218 20.49 9.70 21.05
N PHE A 219 19.30 9.27 20.61
CA PHE A 219 18.04 9.88 20.98
C PHE A 219 17.45 9.32 22.26
N LEU A 220 18.07 8.31 22.86
CA LEU A 220 17.61 7.77 24.13
C LEU A 220 17.96 8.73 25.26
N ASN A 221 17.03 8.90 26.20
CA ASN A 221 17.23 9.78 27.33
C ASN A 221 17.00 9.02 28.63
N ARG A 222 17.08 9.75 29.73
CA ARG A 222 16.90 9.18 31.07
C ARG A 222 15.45 9.25 31.55
N PHE A 223 14.51 9.51 30.65
CA PHE A 223 13.14 9.82 31.03
C PHE A 223 12.19 8.69 30.70
N THR A 224 11.00 8.78 31.28
CA THR A 224 9.88 7.92 30.94
C THR A 224 8.62 8.78 30.93
N THR A 225 7.51 8.19 30.53
CA THR A 225 6.24 8.91 30.48
C THR A 225 5.10 7.90 30.66
N THR A 226 3.88 8.37 30.50
CA THR A 226 2.69 7.53 30.53
C THR A 226 1.98 7.61 29.19
N LEU A 227 1.05 6.68 28.97
CA LEU A 227 0.28 6.68 27.73
C LEU A 227 -0.52 7.97 27.59
N ASN A 228 -1.21 8.37 28.67
CA ASN A 228 -2.01 9.59 28.61
C ASN A 228 -1.14 10.83 28.44
N ASP A 229 0.04 10.84 29.07
CA ASP A 229 0.95 11.96 28.93
C ASP A 229 1.48 12.06 27.50
N PHE A 230 1.97 10.94 26.95
CA PHE A 230 2.50 10.97 25.60
C PHE A 230 1.43 11.34 24.59
N ASN A 231 0.20 10.84 24.79
CA ASN A 231 -0.87 11.10 23.83
C ASN A 231 -1.27 12.57 23.82
N LEU A 232 -1.05 13.28 24.93
CA LEU A 232 -1.24 14.72 24.92
C LEU A 232 -0.27 15.40 23.97
N VAL A 233 0.95 14.85 23.84
CA VAL A 233 1.92 15.37 22.89
C VAL A 233 1.65 14.85 21.49
N ALA A 234 1.17 13.60 21.37
CA ALA A 234 0.87 13.04 20.06
C ALA A 234 -0.25 13.79 19.37
N MET A 235 -1.14 14.44 20.14
CA MET A 235 -2.29 15.10 19.53
C MET A 235 -1.87 16.35 18.77
N LYS A 236 -0.96 17.15 19.33
CA LYS A 236 -0.58 18.41 18.70
C LYS A 236 0.09 18.17 17.36
N TYR A 237 0.87 17.10 17.24
CA TYR A 237 1.62 16.80 16.02
C TYR A 237 0.85 15.87 15.08
N ASN A 238 -0.44 15.65 15.34
CA ASN A 238 -1.29 14.81 14.50
C ASN A 238 -0.76 13.38 14.43
N TYR A 239 -0.35 12.86 15.59
CA TYR A 239 0.00 11.46 15.73
C TYR A 239 -1.20 10.67 16.23
N GLU A 240 -1.26 9.39 15.85
CA GLU A 240 -2.33 8.55 16.33
C GLU A 240 -2.17 8.29 17.82
N PRO A 241 -3.28 8.21 18.56
CA PRO A 241 -3.18 7.86 19.99
C PRO A 241 -2.63 6.45 20.16
N LEU A 242 -1.69 6.31 21.10
CA LEU A 242 -1.10 5.01 21.41
C LEU A 242 -1.98 4.29 22.41
N THR A 243 -2.22 3.00 22.14
CA THR A 243 -3.05 2.16 22.98
C THR A 243 -2.21 1.04 23.59
N GLN A 244 -2.80 0.36 24.58
CA GLN A 244 -2.10 -0.78 25.19
C GLN A 244 -1.89 -1.90 24.17
N ASP A 245 -2.80 -2.03 23.20
CA ASP A 245 -2.59 -3.01 22.14
C ASP A 245 -1.36 -2.68 21.32
N HIS A 246 -1.13 -1.38 21.06
CA HIS A 246 0.12 -0.97 20.42
C HIS A 246 1.32 -1.32 21.28
N VAL A 247 1.21 -1.14 22.60
CA VAL A 247 2.31 -1.48 23.49
C VAL A 247 2.59 -2.97 23.44
N ASP A 248 1.55 -3.80 23.48
CA ASP A 248 1.73 -5.24 23.41
C ASP A 248 2.32 -5.66 22.07
N ILE A 249 1.89 -5.00 20.99
CA ILE A 249 2.42 -5.33 19.66
C ILE A 249 3.91 -5.05 19.60
N LEU A 250 4.36 -4.00 20.29
CA LEU A 250 5.78 -3.67 20.37
C LEU A 250 6.53 -4.53 21.38
N GLY A 251 5.87 -5.52 21.97
CA GLY A 251 6.48 -6.39 22.95
C GLY A 251 7.78 -7.03 22.50
N PRO A 252 7.77 -7.69 21.34
CA PRO A 252 9.01 -8.29 20.84
C PRO A 252 10.16 -7.31 20.70
N LEU A 253 9.89 -6.09 20.26
CA LEU A 253 10.96 -5.11 20.10
C LEU A 253 11.41 -4.55 21.44
N SER A 254 10.48 -4.37 22.38
CA SER A 254 10.84 -3.90 23.71
C SER A 254 11.65 -4.97 24.45
N ALA A 255 11.31 -6.25 24.26
CA ALA A 255 12.02 -7.32 24.95
C ALA A 255 13.43 -7.50 24.40
N GLN A 256 13.60 -7.40 23.08
CA GLN A 256 14.91 -7.60 22.49
C GLN A 256 15.87 -6.46 22.85
N THR A 257 15.36 -5.23 22.92
CA THR A 257 16.19 -4.09 23.27
C THR A 257 16.27 -3.83 24.76
N GLY A 258 15.35 -4.39 25.55
CA GLY A 258 15.30 -4.08 26.95
C GLY A 258 14.84 -2.68 27.28
N ILE A 259 14.30 -1.95 26.30
CA ILE A 259 13.78 -0.60 26.51
C ILE A 259 12.25 -0.69 26.57
N ALA A 260 11.70 -0.35 27.74
CA ALA A 260 10.25 -0.36 27.90
C ALA A 260 9.60 0.61 26.92
N VAL A 261 8.40 0.24 26.46
CA VAL A 261 7.71 1.02 25.44
C VAL A 261 7.51 2.46 25.91
N LEU A 262 7.14 2.65 27.17
CA LEU A 262 6.91 3.99 27.67
C LEU A 262 8.21 4.79 27.77
N ASP A 263 9.35 4.12 28.01
CA ASP A 263 10.63 4.81 27.94
C ASP A 263 10.92 5.28 26.52
N MET A 264 10.67 4.42 25.54
CA MET A 264 10.85 4.83 24.15
C MET A 264 9.90 5.98 23.81
N CYS A 265 8.70 5.98 24.41
CA CYS A 265 7.74 7.05 24.18
C CYS A 265 8.29 8.39 24.68
N ALA A 266 9.04 8.37 25.78
CA ALA A 266 9.65 9.60 26.26
C ALA A 266 10.70 10.13 25.29
N SER A 267 11.42 9.23 24.61
CA SER A 267 12.37 9.66 23.58
C SER A 267 11.64 10.30 22.41
N LEU A 268 10.54 9.68 21.96
CA LEU A 268 9.79 10.23 20.84
C LEU A 268 9.16 11.57 21.21
N LYS A 269 8.68 11.69 22.44
CA LYS A 269 8.14 12.97 22.90
C LYS A 269 9.18 14.08 22.80
N GLU A 270 10.44 13.78 23.15
N GLU A 270 10.43 13.77 23.14
CA GLU A 270 11.48 14.79 23.04
CA GLU A 270 11.49 14.78 23.05
C GLU A 270 11.87 15.06 21.60
C GLU A 270 11.86 15.07 21.60
N LEU A 271 11.84 14.04 20.75
CA LEU A 271 12.14 14.26 19.33
C LEU A 271 11.07 15.11 18.65
N LEU A 272 9.82 15.00 19.09
CA LEU A 272 8.75 15.79 18.49
C LEU A 272 8.84 17.25 18.90
N GLN A 273 9.18 17.52 20.16
CA GLN A 273 9.21 18.89 20.66
C GLN A 273 10.52 19.61 20.38
N ASN A 274 11.65 18.88 20.37
CA ASN A 274 12.95 19.50 20.19
C ASN A 274 13.54 19.28 18.80
N GLY A 275 12.94 18.40 18.00
CA GLY A 275 13.50 18.09 16.71
C GLY A 275 14.70 17.18 16.81
N MET A 276 15.37 16.99 15.69
N MET A 276 15.36 16.98 15.67
CA MET A 276 16.51 16.09 15.59
CA MET A 276 16.51 16.09 15.57
C MET A 276 17.85 16.82 15.63
C MET A 276 17.84 16.82 15.73
N ASN A 277 17.83 18.16 15.69
CA ASN A 277 19.05 18.96 15.84
C ASN A 277 20.08 18.64 14.77
N GLY A 278 19.61 18.43 13.54
CA GLY A 278 20.49 18.15 12.42
C GLY A 278 21.07 16.75 12.41
N ARG A 279 20.69 15.89 13.35
CA ARG A 279 21.19 14.52 13.37
C ARG A 279 20.26 13.61 12.58
N THR A 280 20.68 12.36 12.43
CA THR A 280 19.95 11.39 11.63
C THR A 280 19.69 10.12 12.43
N ILE A 281 18.61 9.42 12.06
CA ILE A 281 18.26 8.13 12.63
C ILE A 281 18.05 7.16 11.48
N LEU A 282 18.87 6.11 11.42
CA LEU A 282 18.82 5.13 10.35
C LEU A 282 18.93 5.79 8.97
N GLY A 283 19.75 6.84 8.89
CA GLY A 283 19.93 7.55 7.65
C GLY A 283 18.81 8.48 7.25
N SER A 284 17.89 8.78 8.17
CA SER A 284 16.77 9.67 7.89
C SER A 284 16.83 10.88 8.82
N ALA A 285 16.38 12.02 8.31
CA ALA A 285 16.34 13.26 9.07
C ALA A 285 14.94 13.62 9.55
N LEU A 286 13.98 12.71 9.37
CA LEU A 286 12.66 12.85 9.95
C LEU A 286 12.22 11.49 10.47
N LEU A 287 11.06 11.47 11.13
CA LEU A 287 10.59 10.27 11.81
C LEU A 287 9.79 9.40 10.83
N GLU A 288 10.28 8.18 10.60
CA GLU A 288 9.66 7.26 9.66
C GLU A 288 8.49 6.51 10.30
N ASP A 289 7.36 6.45 9.59
CA ASP A 289 6.17 5.79 10.13
C ASP A 289 5.61 4.72 9.20
N GLU A 290 6.37 4.27 8.20
CA GLU A 290 5.87 3.27 7.26
C GLU A 290 6.55 1.91 7.46
N PHE A 291 7.08 1.65 8.65
CA PHE A 291 7.56 0.33 9.03
C PHE A 291 6.69 -0.18 10.17
N THR A 292 5.96 -1.26 9.93
CA THR A 292 5.19 -1.86 11.01
C THR A 292 6.13 -2.57 11.99
N PRO A 293 5.65 -2.85 13.21
CA PRO A 293 6.45 -3.70 14.11
C PRO A 293 6.82 -5.04 13.49
N PHE A 294 5.93 -5.62 12.69
CA PHE A 294 6.26 -6.86 12.00
C PHE A 294 7.36 -6.65 10.97
N ASP A 295 7.35 -5.51 10.27
CA ASP A 295 8.40 -5.22 9.31
C ASP A 295 9.77 -5.16 9.99
N VAL A 296 9.83 -4.57 11.19
CA VAL A 296 11.10 -4.46 11.91
C VAL A 296 11.58 -5.83 12.35
N VAL A 297 10.70 -6.61 12.98
CA VAL A 297 11.08 -7.93 13.46
C VAL A 297 11.50 -8.82 12.30
N ARG A 298 10.76 -8.76 11.19
CA ARG A 298 11.09 -9.57 10.02
C ARG A 298 12.48 -9.23 9.49
N GLN A 299 12.77 -7.94 9.34
CA GLN A 299 14.04 -7.55 8.76
C GLN A 299 15.20 -7.77 9.73
N CYS A 300 14.97 -7.53 11.01
CA CYS A 300 16.03 -7.72 12.01
C CYS A 300 16.22 -9.17 12.41
N SER A 301 15.38 -10.09 11.92
CA SER A 301 15.53 -11.52 12.18
C SER A 301 15.76 -12.36 10.93
N GLY A 302 15.47 -11.84 9.75
CA GLY A 302 15.79 -12.53 8.51
C GLY A 302 14.81 -13.60 8.09
N VAL A 303 13.51 -13.34 8.20
CA VAL A 303 12.51 -14.29 7.75
C VAL A 303 12.38 -14.24 6.23
C ACE B 1 -8.82 12.87 -10.17
O ACE B 1 -9.38 13.43 -11.10
CH3 ACE B 1 -9.21 13.11 -8.73
N LEU B 2 -7.83 12.01 -10.34
CA LEU B 2 -7.31 11.67 -11.67
C LEU B 2 -7.19 10.16 -11.84
N LEU B 3 -8.02 9.59 -12.72
CA LEU B 3 -7.97 8.16 -12.98
C LEU B 3 -6.73 7.80 -13.77
N AR7 B 4 -6.00 6.79 -13.31
N AR7 B 4 -5.99 6.80 -13.31
CA AR7 B 4 -4.77 6.34 -14.00
CA AR7 B 4 -4.73 6.38 -13.96
C AR7 B 4 -4.87 4.84 -14.32
C AR7 B 4 -4.77 4.89 -14.33
O AR7 B 4 -5.57 4.53 -15.31
O AR7 B 4 -3.79 4.45 -14.96
CB AR7 B 4 -3.55 6.65 -13.13
CB AR7 B 4 -3.55 6.71 -13.05
CG AR7 B 4 -3.57 8.03 -12.48
CG AR7 B 4 -3.60 8.10 -12.44
CD AR7 B 4 -2.78 9.07 -13.27
CD AR7 B 4 -2.79 9.13 -13.22
NE AR7 B 4 -3.32 9.34 -14.58
NE AR7 B 4 -3.33 9.40 -14.54
CZ AR7 B 4 -2.87 10.30 -15.38
CZ AR7 B 4 -2.89 10.36 -15.36
NH1 AR7 B 4 -1.68 10.84 -15.17
NH1 AR7 B 4 -1.69 10.89 -15.14
NH2 AR7 B 4 -3.55 10.63 -16.47
NH2 AR7 B 4 -3.62 10.78 -16.36
S DMS C . 13.26 5.29 34.15
O DMS C . 12.36 6.42 34.55
C1 DMS C . 13.74 5.51 32.41
C2 DMS C . 14.87 5.41 34.96
S DMS D . -10.77 -15.70 -4.84
O DMS D . -10.92 -17.18 -4.63
C1 DMS D . -11.81 -14.80 -3.67
C2 DMS D . -11.56 -15.24 -6.42
S DMS E . 2.94 -13.23 -17.24
O DMS E . 3.47 -14.63 -17.30
C1 DMS E . 1.12 -13.28 -17.30
C2 DMS E . 3.28 -12.39 -18.81
N1 IMD F . -12.41 -5.63 -30.66
C2 IMD F . -13.68 -5.29 -30.97
N3 IMD F . -13.94 -4.06 -30.49
C4 IMD F . -12.84 -3.62 -29.86
C5 IMD F . -11.87 -4.60 -29.97
S DMS G . 9.30 -7.72 4.07
O DMS G . 8.80 -6.30 4.05
C1 DMS G . 10.56 -7.90 5.36
C2 DMS G . 10.32 -8.02 2.60
CL CL H . 15.04 12.24 5.59
#